data_6PS2
#
_entry.id   6PS2
#
_cell.length_a   41.650
_cell.length_b   76.240
_cell.length_c   171.900
_cell.angle_alpha   90.000
_cell.angle_beta   90.000
_cell.angle_gamma   90.000
#
_symmetry.space_group_name_H-M   'P 21 21 21'
#
loop_
_entity.id
_entity.type
_entity.pdbx_description
1 polymer 'Fusion protein of Beta-2 adrenergic receptor and T4 Lysozyme'
2 non-polymer (2S)-1-[(1-methylethyl)amino]-3-(2-prop-2-en-1-ylphenoxy)propan-2-ol
3 non-polymer CHOLESTEROL
4 non-polymer '(2S)-2,3-dihydroxypropyl (9Z)-octadec-9-enoate'
5 non-polymer '(2R)-2,3-dihydroxypropyl (9Z)-octadec-9-enoate'
6 non-polymer 'SULFATE ION'
7 non-polymer 'OLEIC ACID'
8 water water
#
_entity_poly.entity_id   1
_entity_poly.type   'polypeptide(L)'
_entity_poly.pdbx_seq_one_letter_code
;MKTIIALSYIFCLVFADYKDDDDAMGQPGNGSAFLLAPNRSHAPDHDVTQQRDEVWVVGMGIVMSLIVLAIVFGNVLVIT
AIAKFERLQTVTNYFITSLACADLVMGLAVVPFGAAHILMKMWTFGNFWCEFWTSIDVLCVTASIWTLCVIAVDRYFAIT
SPFKYQSLLTKNKARVIILMVWIVSGLTSFLPIQMHWYRATHQEAINCYAEETCCDFFTNQAYAIASSIVSFYVPLVIMV
FVYSRVFQEAKRQLNIFEMLRIDEGLRLKIYKDTEGYYTIGIGHLLTKSPSLNAAKSELDKAIGRNTNGVITKDEAEKLF
NQDVDAAVRGILRNAKLKPVYDSLDAVRRAALINMVFQMGETGVAGFTNSLRMLQQKRWDEAAVNLAKSRWYNQTPNRAK
RVITTFRTGTWDAYKFCLKEHKALKTLGIIMGTFTLCWLPFFIVNIVHVIQDNLIRKEVYILLNWIGYVNSGFNPLIYCR
SPDFRIAFQELLCLRRSSLKHHHHHH
;
_entity_poly.pdbx_strand_id   A
#
loop_
_chem_comp.id
_chem_comp.type
_chem_comp.name
_chem_comp.formula
CLR non-polymer CHOLESTEROL 'C27 H46 O'
JTZ non-polymer (2S)-1-[(1-methylethyl)amino]-3-(2-prop-2-en-1-ylphenoxy)propan-2-ol 'C15 H23 N O2'
OLA non-polymer 'OLEIC ACID' 'C18 H34 O2'
OLB non-polymer '(2S)-2,3-dihydroxypropyl (9Z)-octadec-9-enoate' 'C21 H40 O4'
OLC non-polymer '(2R)-2,3-dihydroxypropyl (9Z)-octadec-9-enoate' 'C21 H40 O4'
SO4 non-polymer 'SULFATE ION' 'O4 S -2'
#
# COMPACT_ATOMS: atom_id res chain seq x y z
N ARG A 52 0.17 -34.67 -19.58
CA ARG A 52 0.13 -35.96 -18.90
C ARG A 52 -1.17 -36.74 -19.25
N ASP A 53 -1.68 -37.56 -18.30
CA ASP A 53 -2.89 -38.37 -18.49
C ASP A 53 -4.17 -37.55 -18.15
N GLU A 54 -5.36 -38.13 -18.45
CA GLU A 54 -6.70 -37.58 -18.24
C GLU A 54 -6.89 -36.90 -16.88
N VAL A 55 -6.44 -37.55 -15.77
CA VAL A 55 -6.53 -37.05 -14.40
C VAL A 55 -5.88 -35.67 -14.26
N TRP A 56 -4.70 -35.49 -14.88
CA TRP A 56 -3.96 -34.24 -14.84
C TRP A 56 -4.64 -33.17 -15.71
N VAL A 57 -5.08 -33.52 -16.93
CA VAL A 57 -5.72 -32.58 -17.88
C VAL A 57 -7.03 -32.01 -17.29
N VAL A 58 -7.85 -32.85 -16.62
CA VAL A 58 -9.11 -32.41 -16.00
C VAL A 58 -8.80 -31.48 -14.82
N GLY A 59 -7.95 -31.93 -13.88
CA GLY A 59 -7.52 -31.17 -12.72
C GLY A 59 -6.87 -29.85 -13.06
N MET A 60 -6.06 -29.82 -14.15
CA MET A 60 -5.39 -28.65 -14.69
C MET A 60 -6.42 -27.73 -15.35
N GLY A 61 -7.45 -28.32 -15.96
CA GLY A 61 -8.53 -27.59 -16.60
C GLY A 61 -9.38 -26.84 -15.60
N ILE A 62 -9.71 -27.51 -14.46
CA ILE A 62 -10.50 -26.94 -13.36
C ILE A 62 -9.75 -25.78 -12.73
N VAL A 63 -8.46 -25.99 -12.40
CA VAL A 63 -7.57 -25.02 -11.75
C VAL A 63 -7.47 -23.75 -12.62
N MET A 64 -7.29 -23.89 -13.94
CA MET A 64 -7.19 -22.75 -14.86
C MET A 64 -8.53 -22.03 -15.00
N SER A 65 -9.65 -22.76 -14.89
CA SER A 65 -11.00 -22.18 -14.93
C SER A 65 -11.22 -21.32 -13.69
N LEU A 66 -10.80 -21.81 -12.50
CA LEU A 66 -10.91 -21.07 -11.22
C LEU A 66 -10.07 -19.81 -11.25
N ILE A 67 -8.86 -19.89 -11.79
CA ILE A 67 -7.96 -18.75 -11.89
C ILE A 67 -8.61 -17.68 -12.84
N VAL A 68 -9.18 -18.08 -14.00
CA VAL A 68 -9.86 -17.15 -14.94
C VAL A 68 -11.06 -16.49 -14.21
N LEU A 69 -11.88 -17.30 -13.50
CA LEU A 69 -13.05 -16.83 -12.77
C LEU A 69 -12.65 -15.85 -11.66
N ALA A 70 -11.62 -16.21 -10.84
CA ALA A 70 -11.09 -15.36 -9.75
C ALA A 70 -10.54 -14.02 -10.26
N ILE A 71 -9.84 -14.01 -11.40
CA ILE A 71 -9.26 -12.78 -11.94
C ILE A 71 -10.37 -11.82 -12.41
N VAL A 72 -11.36 -12.32 -13.16
CA VAL A 72 -12.48 -11.56 -13.72
C VAL A 72 -13.37 -11.00 -12.60
N PHE A 73 -13.95 -11.89 -11.77
CA PHE A 73 -14.86 -11.53 -10.67
C PHE A 73 -14.19 -10.50 -9.81
N GLY A 74 -13.00 -10.83 -9.34
CA GLY A 74 -12.21 -9.97 -8.47
C GLY A 74 -11.96 -8.57 -9.01
N ASN A 75 -11.59 -8.46 -10.31
CA ASN A 75 -11.27 -7.16 -10.91
C ASN A 75 -12.50 -6.39 -11.37
N VAL A 76 -13.60 -7.08 -11.73
CA VAL A 76 -14.86 -6.39 -12.05
C VAL A 76 -15.30 -5.69 -10.76
N LEU A 77 -15.19 -6.40 -9.63
CA LEU A 77 -15.54 -5.92 -8.29
C LEU A 77 -14.78 -4.63 -7.92
N VAL A 78 -13.46 -4.63 -8.13
CA VAL A 78 -12.58 -3.50 -7.85
C VAL A 78 -12.98 -2.29 -8.73
N ILE A 79 -13.21 -2.51 -10.03
N ILE A 79 -13.22 -2.51 -10.03
CA ILE A 79 -13.58 -1.46 -10.98
CA ILE A 79 -13.58 -1.46 -10.96
C ILE A 79 -14.96 -0.90 -10.61
C ILE A 79 -14.96 -0.90 -10.61
N THR A 80 -15.93 -1.78 -10.30
CA THR A 80 -17.32 -1.42 -9.94
C THR A 80 -17.36 -0.61 -8.63
N ALA A 81 -16.55 -1.00 -7.62
CA ALA A 81 -16.47 -0.32 -6.33
C ALA A 81 -15.96 1.12 -6.48
N ILE A 82 -14.92 1.34 -7.31
CA ILE A 82 -14.39 2.70 -7.53
C ILE A 82 -15.38 3.51 -8.43
N ALA A 83 -16.12 2.84 -9.33
CA ALA A 83 -17.07 3.48 -10.24
C ALA A 83 -18.32 3.98 -9.52
N LYS A 84 -18.73 3.31 -8.42
CA LYS A 84 -19.97 3.63 -7.70
C LYS A 84 -19.78 4.34 -6.38
N PHE A 85 -18.68 4.13 -5.66
CA PHE A 85 -18.54 4.77 -4.37
C PHE A 85 -17.59 5.96 -4.41
N GLU A 86 -18.19 7.17 -4.44
CA GLU A 86 -17.60 8.52 -4.42
C GLU A 86 -16.36 8.63 -3.50
N ARG A 87 -16.40 8.01 -2.30
CA ARG A 87 -15.30 8.03 -1.33
C ARG A 87 -14.03 7.38 -1.89
N LEU A 88 -14.19 6.43 -2.83
CA LEU A 88 -13.07 5.71 -3.45
C LEU A 88 -12.59 6.40 -4.74
N GLN A 89 -13.26 7.52 -5.17
CA GLN A 89 -12.85 8.23 -6.38
C GLN A 89 -11.71 9.19 -6.07
N THR A 90 -10.53 8.61 -5.89
CA THR A 90 -9.30 9.31 -5.60
C THR A 90 -8.31 9.10 -6.74
N VAL A 91 -7.25 9.93 -6.79
CA VAL A 91 -6.16 9.85 -7.79
C VAL A 91 -5.52 8.45 -7.71
N THR A 92 -5.21 7.95 -6.49
CA THR A 92 -4.62 6.63 -6.28
C THR A 92 -5.50 5.54 -6.85
N ASN A 93 -6.82 5.60 -6.60
CA ASN A 93 -7.73 4.58 -7.05
C ASN A 93 -8.00 4.66 -8.55
N TYR A 94 -7.67 5.79 -9.21
CA TYR A 94 -7.75 5.90 -10.67
C TYR A 94 -6.61 5.06 -11.24
N PHE A 95 -5.43 5.07 -10.57
CA PHE A 95 -4.29 4.24 -10.94
C PHE A 95 -4.59 2.75 -10.66
N ILE A 96 -5.26 2.44 -9.51
CA ILE A 96 -5.71 1.08 -9.16
C ILE A 96 -6.74 0.60 -10.22
N THR A 97 -7.59 1.52 -10.75
CA THR A 97 -8.51 1.21 -11.85
C THR A 97 -7.67 0.82 -13.11
N SER A 98 -6.59 1.59 -13.44
CA SER A 98 -5.70 1.26 -14.56
C SER A 98 -5.18 -0.20 -14.41
N LEU A 99 -4.70 -0.53 -13.21
CA LEU A 99 -4.17 -1.82 -12.79
C LEU A 99 -5.20 -2.93 -12.89
N ALA A 100 -6.41 -2.70 -12.37
CA ALA A 100 -7.50 -3.67 -12.38
C ALA A 100 -8.02 -3.92 -13.82
N CYS A 101 -7.95 -2.92 -14.73
CA CYS A 101 -8.30 -3.05 -16.15
C CYS A 101 -7.31 -4.00 -16.84
N ALA A 102 -6.00 -3.77 -16.66
CA ALA A 102 -4.93 -4.61 -17.16
C ALA A 102 -5.16 -6.03 -16.69
N ASP A 103 -5.48 -6.22 -15.40
CA ASP A 103 -5.75 -7.55 -14.84
C ASP A 103 -7.03 -8.20 -15.42
N LEU A 104 -8.10 -7.41 -15.69
N LEU A 104 -8.09 -7.40 -15.70
CA LEU A 104 -9.35 -7.89 -16.28
CA LEU A 104 -9.36 -7.87 -16.28
C LEU A 104 -9.13 -8.32 -17.73
C LEU A 104 -9.14 -8.31 -17.74
N VAL A 105 -8.31 -7.56 -18.49
CA VAL A 105 -7.97 -7.83 -19.90
C VAL A 105 -7.11 -9.13 -19.91
N MET A 106 -6.13 -9.24 -18.99
CA MET A 106 -5.35 -10.43 -18.75
C MET A 106 -6.30 -11.65 -18.52
N GLY A 107 -7.32 -11.48 -17.66
CA GLY A 107 -8.32 -12.50 -17.33
C GLY A 107 -9.30 -12.89 -18.41
N LEU A 108 -9.77 -11.94 -19.23
CA LEU A 108 -10.72 -12.18 -20.33
C LEU A 108 -10.04 -12.58 -21.67
N ALA A 109 -9.02 -11.80 -22.10
CA ALA A 109 -8.32 -11.95 -23.37
C ALA A 109 -7.01 -12.75 -23.32
N VAL A 110 -6.37 -12.93 -22.15
CA VAL A 110 -5.09 -13.62 -22.23
C VAL A 110 -5.15 -15.04 -21.66
N VAL A 111 -5.27 -15.16 -20.31
CA VAL A 111 -5.29 -16.42 -19.57
C VAL A 111 -6.21 -17.49 -20.21
N PRO A 112 -7.48 -17.21 -20.67
CA PRO A 112 -8.29 -18.30 -21.28
C PRO A 112 -7.65 -18.90 -22.54
N PHE A 113 -7.09 -18.06 -23.45
CA PHE A 113 -6.45 -18.54 -24.69
C PHE A 113 -5.13 -19.27 -24.40
N GLY A 114 -4.45 -18.88 -23.34
CA GLY A 114 -3.22 -19.53 -22.90
C GLY A 114 -3.49 -20.91 -22.33
N ALA A 115 -4.57 -21.03 -21.54
CA ALA A 115 -5.01 -22.28 -20.90
C ALA A 115 -5.38 -23.29 -21.97
N ALA A 116 -6.18 -22.85 -22.98
CA ALA A 116 -6.59 -23.69 -24.11
C ALA A 116 -5.37 -24.19 -24.89
N HIS A 117 -4.35 -23.34 -25.04
CA HIS A 117 -3.08 -23.65 -25.70
C HIS A 117 -2.33 -24.78 -24.95
N ILE A 118 -2.28 -24.75 -23.61
CA ILE A 118 -1.62 -25.77 -22.79
C ILE A 118 -2.36 -27.11 -22.89
N LEU A 119 -3.69 -27.12 -22.61
CA LEU A 119 -4.53 -28.32 -22.61
C LEU A 119 -4.62 -28.99 -23.98
N MET A 120 -4.86 -28.21 -25.06
CA MET A 120 -4.94 -28.75 -26.42
C MET A 120 -3.57 -29.03 -27.04
N LYS A 121 -2.46 -28.63 -26.34
CA LYS A 121 -1.05 -28.78 -26.75
C LYS A 121 -0.80 -28.18 -28.15
N MET A 122 -1.63 -27.21 -28.58
CA MET A 122 -1.56 -26.56 -29.89
C MET A 122 -2.33 -25.24 -29.89
N TRP A 123 -2.18 -24.47 -30.98
CA TRP A 123 -2.90 -23.21 -31.13
C TRP A 123 -4.00 -23.37 -32.19
N THR A 124 -5.26 -23.29 -31.76
CA THR A 124 -6.41 -23.51 -32.66
C THR A 124 -7.09 -22.21 -33.09
N PHE A 125 -6.43 -21.04 -32.84
CA PHE A 125 -7.02 -19.73 -33.12
C PHE A 125 -6.36 -18.97 -34.31
N GLY A 126 -5.39 -19.59 -34.97
CA GLY A 126 -4.72 -18.98 -36.12
C GLY A 126 -3.63 -17.97 -35.80
N ASN A 127 -2.78 -17.64 -36.79
CA ASN A 127 -1.64 -16.74 -36.66
C ASN A 127 -2.01 -15.29 -36.33
N PHE A 128 -3.19 -14.80 -36.75
CA PHE A 128 -3.58 -13.43 -36.45
C PHE A 128 -3.89 -13.27 -34.96
N TRP A 129 -4.74 -14.16 -34.39
CA TRP A 129 -5.06 -14.05 -32.97
C TRP A 129 -3.82 -14.39 -32.14
N CYS A 130 -2.87 -15.15 -32.68
CA CYS A 130 -1.61 -15.48 -31.99
C CYS A 130 -0.78 -14.24 -31.77
N GLU A 131 -0.56 -13.42 -32.82
CA GLU A 131 0.23 -12.20 -32.72
C GLU A 131 -0.53 -11.14 -31.91
N PHE A 132 -1.87 -11.09 -32.05
CA PHE A 132 -2.73 -10.17 -31.31
C PHE A 132 -2.72 -10.46 -29.79
N TRP A 133 -2.85 -11.76 -29.42
CA TRP A 133 -2.87 -12.33 -28.08
C TRP A 133 -1.55 -12.00 -27.38
N THR A 134 -0.42 -12.35 -28.02
CA THR A 134 0.93 -12.09 -27.54
C THR A 134 1.07 -10.60 -27.18
N SER A 135 0.62 -9.68 -28.09
CA SER A 135 0.68 -8.22 -27.91
C SER A 135 -0.13 -7.75 -26.71
N ILE A 136 -1.39 -8.25 -26.54
CA ILE A 136 -2.27 -7.85 -25.43
C ILE A 136 -1.63 -8.25 -24.08
N ASP A 137 -1.10 -9.48 -24.01
CA ASP A 137 -0.38 -10.02 -22.87
C ASP A 137 0.80 -9.09 -22.48
N VAL A 138 1.64 -8.72 -23.48
CA VAL A 138 2.80 -7.84 -23.32
C VAL A 138 2.32 -6.46 -22.84
N LEU A 139 1.22 -5.95 -23.44
CA LEU A 139 0.63 -4.66 -23.08
C LEU A 139 0.17 -4.64 -21.62
N CYS A 140 -0.43 -5.74 -21.15
CA CYS A 140 -0.97 -5.86 -19.79
C CYS A 140 0.13 -5.83 -18.76
N VAL A 141 1.25 -6.51 -19.01
CA VAL A 141 2.37 -6.55 -18.08
C VAL A 141 3.02 -5.19 -18.04
N THR A 142 3.32 -4.61 -19.22
CA THR A 142 3.96 -3.29 -19.35
C THR A 142 3.07 -2.20 -18.72
N ALA A 143 1.77 -2.13 -19.08
CA ALA A 143 0.84 -1.13 -18.52
C ALA A 143 0.73 -1.25 -16.99
N SER A 144 0.71 -2.49 -16.45
CA SER A 144 0.67 -2.77 -15.01
C SER A 144 1.87 -2.20 -14.29
N ILE A 145 3.09 -2.65 -14.68
CA ILE A 145 4.34 -2.25 -14.03
C ILE A 145 4.55 -0.72 -14.16
N TRP A 146 4.20 -0.11 -15.31
CA TRP A 146 4.40 1.34 -15.45
C TRP A 146 3.43 2.11 -14.57
N THR A 147 2.20 1.57 -14.35
CA THR A 147 1.18 2.17 -13.49
C THR A 147 1.69 2.17 -12.02
N LEU A 148 2.28 1.04 -11.59
CA LEU A 148 2.89 0.86 -10.28
C LEU A 148 4.02 1.85 -10.06
N CYS A 149 4.77 2.14 -11.11
CA CYS A 149 5.86 3.11 -11.09
C CYS A 149 5.27 4.53 -10.92
N VAL A 150 4.16 4.85 -11.61
CA VAL A 150 3.47 6.14 -11.52
C VAL A 150 2.92 6.31 -10.08
N ILE A 151 2.26 5.27 -9.52
CA ILE A 151 1.77 5.27 -8.14
C ILE A 151 2.94 5.62 -7.18
N ALA A 152 4.10 4.95 -7.31
CA ALA A 152 5.28 5.16 -6.46
C ALA A 152 5.75 6.63 -6.52
N VAL A 153 5.92 7.19 -7.74
CA VAL A 153 6.38 8.57 -7.96
C VAL A 153 5.33 9.57 -7.36
N ASP A 154 4.02 9.31 -7.60
CA ASP A 154 2.92 10.10 -7.07
C ASP A 154 2.94 10.09 -5.51
N ARG A 155 3.15 8.89 -4.91
CA ARG A 155 3.23 8.78 -3.45
C ARG A 155 4.45 9.48 -2.92
N TYR A 156 5.55 9.56 -3.71
CA TYR A 156 6.76 10.29 -3.29
C TYR A 156 6.49 11.79 -3.23
N PHE A 157 5.89 12.34 -4.29
CA PHE A 157 5.62 13.76 -4.39
C PHE A 157 4.58 14.21 -3.36
N ALA A 158 3.67 13.30 -2.99
CA ALA A 158 2.66 13.58 -1.97
C ALA A 158 3.33 13.68 -0.60
N ILE A 159 4.10 12.63 -0.18
CA ILE A 159 4.76 12.53 1.13
C ILE A 159 5.80 13.65 1.30
N THR A 160 6.30 14.23 0.22
CA THR A 160 7.30 15.29 0.35
C THR A 160 6.68 16.67 0.24
N SER A 161 5.37 16.76 0.04
CA SER A 161 4.70 18.06 -0.06
C SER A 161 4.06 18.44 1.28
N PRO A 162 3.74 19.74 1.50
CA PRO A 162 3.09 20.14 2.75
C PRO A 162 1.76 19.41 2.98
N PHE A 163 1.17 18.83 1.92
CA PHE A 163 -0.11 18.10 1.95
C PHE A 163 0.08 16.66 2.49
N LYS A 164 1.30 16.13 2.43
CA LYS A 164 1.74 14.82 2.92
C LYS A 164 1.05 13.55 2.27
N TYR A 165 -0.27 13.36 2.39
CA TYR A 165 -0.86 12.13 1.88
C TYR A 165 -1.77 12.35 0.67
N GLN A 166 -1.84 13.58 0.16
CA GLN A 166 -2.70 13.91 -0.99
C GLN A 166 -1.87 14.08 -2.24
N SER A 167 -2.29 13.46 -3.35
CA SER A 167 -1.62 13.59 -4.64
C SER A 167 -1.54 15.06 -5.06
N LEU A 168 -0.48 15.44 -5.78
CA LEU A 168 -0.36 16.80 -6.28
C LEU A 168 -1.06 16.88 -7.65
N LEU A 169 -1.60 15.74 -8.09
CA LEU A 169 -2.31 15.65 -9.36
C LEU A 169 -3.80 15.88 -9.17
N THR A 170 -4.44 16.38 -10.23
CA THR A 170 -5.88 16.52 -10.31
C THR A 170 -6.34 15.22 -10.93
N LYS A 171 -7.61 14.85 -10.75
CA LYS A 171 -8.17 13.63 -11.33
C LYS A 171 -8.10 13.70 -12.86
N ASN A 172 -8.16 14.92 -13.46
CA ASN A 172 -8.02 15.09 -14.91
C ASN A 172 -6.61 14.76 -15.35
N LYS A 173 -5.59 15.26 -14.62
CA LYS A 173 -4.17 15.01 -14.92
C LYS A 173 -3.87 13.51 -14.77
N ALA A 174 -4.36 12.87 -13.69
CA ALA A 174 -4.23 11.42 -13.43
C ALA A 174 -4.83 10.61 -14.61
N ARG A 175 -6.01 11.04 -15.14
CA ARG A 175 -6.63 10.39 -16.29
C ARG A 175 -5.74 10.51 -17.52
N VAL A 176 -5.15 11.72 -17.74
CA VAL A 176 -4.26 11.98 -18.87
C VAL A 176 -3.01 11.06 -18.77
N ILE A 177 -2.44 10.89 -17.56
CA ILE A 177 -1.27 10.02 -17.37
C ILE A 177 -1.64 8.53 -17.62
N ILE A 178 -2.81 8.06 -17.13
CA ILE A 178 -3.23 6.66 -17.35
C ILE A 178 -3.35 6.40 -18.87
N LEU A 179 -3.97 7.34 -19.60
CA LEU A 179 -4.12 7.27 -21.04
C LEU A 179 -2.77 7.23 -21.75
N MET A 180 -1.76 8.00 -21.27
CA MET A 180 -0.40 8.05 -21.82
C MET A 180 0.31 6.72 -21.61
N VAL A 181 0.23 6.14 -20.39
CA VAL A 181 0.82 4.85 -20.03
C VAL A 181 0.30 3.79 -20.99
N TRP A 182 -1.03 3.71 -21.19
CA TRP A 182 -1.66 2.74 -22.08
C TRP A 182 -1.33 2.98 -23.57
N ILE A 183 -1.35 4.24 -24.05
CA ILE A 183 -1.01 4.55 -25.45
C ILE A 183 0.47 4.20 -25.73
N VAL A 184 1.39 4.68 -24.86
CA VAL A 184 2.82 4.43 -25.02
C VAL A 184 3.11 2.91 -24.88
N SER A 185 2.62 2.22 -23.83
N SER A 185 2.59 2.22 -23.83
CA SER A 185 2.85 0.79 -23.65
CA SER A 185 2.80 0.77 -23.63
C SER A 185 2.23 -0.04 -24.79
C SER A 185 2.23 -0.03 -24.81
N GLY A 186 1.12 0.45 -25.36
CA GLY A 186 0.45 -0.14 -26.52
C GLY A 186 1.29 -0.01 -27.78
N LEU A 187 2.04 1.10 -27.90
CA LEU A 187 2.94 1.31 -29.03
C LEU A 187 4.18 0.42 -28.92
N THR A 188 4.73 0.25 -27.71
CA THR A 188 5.91 -0.57 -27.49
C THR A 188 5.55 -2.07 -27.44
N SER A 189 4.25 -2.43 -27.27
CA SER A 189 3.84 -3.83 -27.24
C SER A 189 3.34 -4.32 -28.58
N PHE A 190 2.50 -3.53 -29.27
CA PHE A 190 1.93 -3.96 -30.55
C PHE A 190 2.82 -3.66 -31.75
N LEU A 191 3.60 -2.57 -31.76
CA LEU A 191 4.44 -2.29 -32.94
C LEU A 191 5.55 -3.35 -33.14
N PRO A 192 6.43 -3.72 -32.15
CA PRO A 192 7.45 -4.75 -32.43
C PRO A 192 6.88 -6.11 -32.82
N ILE A 193 5.61 -6.41 -32.47
CA ILE A 193 5.02 -7.71 -32.80
C ILE A 193 4.30 -7.67 -34.18
N GLN A 194 3.47 -6.64 -34.47
CA GLN A 194 2.77 -6.56 -35.76
C GLN A 194 3.75 -6.32 -36.92
N MET A 195 4.87 -5.63 -36.64
CA MET A 195 5.95 -5.33 -37.58
C MET A 195 6.93 -6.51 -37.71
N HIS A 196 6.74 -7.55 -36.86
CA HIS A 196 7.53 -8.79 -36.77
C HIS A 196 9.02 -8.55 -36.41
N TRP A 197 9.34 -7.40 -35.75
CA TRP A 197 10.68 -7.04 -35.30
C TRP A 197 11.19 -8.02 -34.23
N TYR A 198 10.27 -8.72 -33.55
CA TYR A 198 10.55 -9.67 -32.47
C TYR A 198 11.11 -10.98 -32.96
N ARG A 199 10.81 -11.33 -34.23
CA ARG A 199 11.05 -12.62 -34.83
C ARG A 199 12.49 -13.10 -34.86
N ALA A 200 12.63 -14.37 -34.43
CA ALA A 200 13.86 -15.15 -34.43
C ALA A 200 14.09 -15.69 -35.83
N THR A 201 15.35 -15.99 -36.16
CA THR A 201 15.72 -16.45 -37.50
C THR A 201 16.10 -17.95 -37.55
N HIS A 202 16.04 -18.67 -36.41
CA HIS A 202 16.34 -20.10 -36.47
C HIS A 202 15.10 -20.84 -37.01
N GLN A 203 15.32 -21.99 -37.65
N GLN A 203 15.32 -22.00 -37.66
CA GLN A 203 14.29 -22.78 -38.33
CA GLN A 203 14.28 -22.79 -38.32
C GLN A 203 13.20 -23.27 -37.38
C GLN A 203 13.19 -23.23 -37.36
N GLU A 204 13.54 -23.62 -36.12
CA GLU A 204 12.57 -24.07 -35.10
C GLU A 204 11.48 -22.95 -34.91
N ALA A 205 11.93 -21.67 -34.81
CA ALA A 205 11.08 -20.47 -34.76
C ALA A 205 10.32 -20.22 -36.08
N ILE A 206 11.05 -20.20 -37.22
CA ILE A 206 10.55 -19.91 -38.56
C ILE A 206 9.43 -20.88 -38.94
N ASN A 207 9.61 -22.19 -38.64
CA ASN A 207 8.57 -23.21 -38.90
C ASN A 207 7.36 -22.91 -38.06
N CYS A 208 7.57 -22.53 -36.79
CA CYS A 208 6.51 -22.19 -35.87
C CYS A 208 5.73 -20.96 -36.37
N TYR A 209 6.40 -19.89 -36.88
CA TYR A 209 5.71 -18.70 -37.40
C TYR A 209 4.79 -19.06 -38.58
N ALA A 210 5.26 -19.98 -39.45
CA ALA A 210 4.52 -20.44 -40.62
C ALA A 210 3.39 -21.42 -40.24
N GLU A 211 3.62 -22.30 -39.23
CA GLU A 211 2.63 -23.28 -38.80
C GLU A 211 1.52 -22.56 -38.08
N GLU A 212 0.36 -22.49 -38.72
CA GLU A 212 -0.85 -21.84 -38.24
C GLU A 212 -1.24 -22.27 -36.81
N THR A 213 -0.90 -23.52 -36.42
CA THR A 213 -1.21 -24.10 -35.12
C THR A 213 -0.06 -23.95 -34.13
N CYS A 214 0.95 -23.19 -34.48
CA CYS A 214 2.05 -22.96 -33.55
C CYS A 214 1.99 -21.55 -33.04
N CYS A 215 2.01 -21.38 -31.72
CA CYS A 215 2.06 -20.05 -31.16
C CYS A 215 3.02 -20.02 -29.96
N ASP A 216 4.26 -20.41 -30.22
CA ASP A 216 5.35 -20.41 -29.26
C ASP A 216 6.07 -19.11 -29.41
N PHE A 217 6.17 -18.36 -28.31
CA PHE A 217 6.79 -17.04 -28.33
C PHE A 217 8.30 -17.14 -28.46
N PHE A 218 8.76 -17.31 -29.70
CA PHE A 218 10.17 -17.29 -30.08
C PHE A 218 10.53 -15.87 -30.39
N THR A 219 11.61 -15.36 -29.76
CA THR A 219 12.04 -14.00 -30.05
C THR A 219 13.52 -14.00 -30.41
N ASN A 220 13.97 -12.90 -31.01
CA ASN A 220 15.39 -12.71 -31.26
C ASN A 220 15.91 -12.09 -29.97
N GLN A 221 17.15 -12.37 -29.63
CA GLN A 221 17.80 -11.94 -28.39
C GLN A 221 17.73 -10.41 -28.15
N ALA A 222 17.92 -9.57 -29.19
CA ALA A 222 17.86 -8.11 -29.07
C ALA A 222 16.44 -7.64 -28.69
N TYR A 223 15.35 -8.27 -29.21
CA TYR A 223 13.99 -7.93 -28.80
C TYR A 223 13.77 -8.36 -27.35
N ALA A 224 14.16 -9.60 -26.98
CA ALA A 224 14.00 -10.12 -25.60
C ALA A 224 14.68 -9.24 -24.58
N ILE A 225 15.88 -8.70 -24.89
CA ILE A 225 16.60 -7.80 -23.98
C ILE A 225 15.91 -6.43 -24.01
N ALA A 226 15.81 -5.79 -25.21
CA ALA A 226 15.22 -4.45 -25.38
C ALA A 226 13.82 -4.34 -24.76
N SER A 227 12.87 -5.24 -25.10
CA SER A 227 11.51 -5.22 -24.55
C SER A 227 11.49 -5.41 -23.02
N SER A 228 12.34 -6.32 -22.46
CA SER A 228 12.42 -6.60 -21.02
C SER A 228 12.85 -5.39 -20.19
N ILE A 229 13.82 -4.62 -20.72
CA ILE A 229 14.38 -3.52 -19.98
C ILE A 229 13.43 -2.34 -19.96
N VAL A 230 12.89 -1.96 -21.11
CA VAL A 230 12.01 -0.81 -21.25
C VAL A 230 10.63 -1.09 -20.64
N SER A 231 10.16 -2.33 -20.74
CA SER A 231 8.84 -2.72 -20.25
C SER A 231 8.82 -3.13 -18.81
N PHE A 232 9.93 -3.66 -18.29
CA PHE A 232 9.85 -4.21 -16.95
C PHE A 232 10.96 -3.75 -16.01
N TYR A 233 12.24 -3.90 -16.40
CA TYR A 233 13.35 -3.61 -15.50
C TYR A 233 13.49 -2.12 -15.16
N VAL A 234 13.36 -1.22 -16.16
CA VAL A 234 13.47 0.23 -15.93
C VAL A 234 12.36 0.64 -14.96
N PRO A 235 11.04 0.41 -15.21
CA PRO A 235 10.02 0.87 -14.25
C PRO A 235 10.10 0.21 -12.88
N LEU A 236 10.54 -1.08 -12.79
CA LEU A 236 10.72 -1.84 -11.54
C LEU A 236 11.79 -1.22 -10.65
N VAL A 237 12.97 -0.90 -11.23
CA VAL A 237 14.11 -0.33 -10.51
C VAL A 237 13.71 1.05 -9.96
N ILE A 238 12.98 1.85 -10.76
CA ILE A 238 12.52 3.19 -10.35
C ILE A 238 11.51 3.05 -9.18
N MET A 239 10.52 2.17 -9.32
N MET A 239 10.51 2.18 -9.33
CA MET A 239 9.47 1.88 -8.36
CA MET A 239 9.46 1.89 -8.34
C MET A 239 10.05 1.42 -7.00
C MET A 239 10.05 1.42 -7.00
N VAL A 240 11.02 0.49 -7.02
CA VAL A 240 11.64 -0.06 -5.80
C VAL A 240 12.48 1.02 -5.10
N PHE A 241 13.18 1.86 -5.87
CA PHE A 241 14.03 2.93 -5.37
C PHE A 241 13.19 4.09 -4.77
N VAL A 242 12.15 4.55 -5.50
CA VAL A 242 11.27 5.65 -5.11
C VAL A 242 10.36 5.24 -3.93
N TYR A 243 9.82 4.00 -3.94
CA TYR A 243 8.93 3.59 -2.87
C TYR A 243 9.66 3.27 -1.58
N SER A 244 10.93 2.88 -1.64
CA SER A 244 11.69 2.67 -0.40
C SER A 244 11.85 4.03 0.29
N ARG A 245 12.01 5.12 -0.52
CA ARG A 245 12.11 6.48 -0.01
C ARG A 245 10.79 6.94 0.56
N VAL A 246 9.64 6.52 -0.02
CA VAL A 246 8.29 6.84 0.46
C VAL A 246 8.18 6.33 1.90
N PHE A 247 8.56 5.06 2.14
CA PHE A 247 8.59 4.39 3.43
C PHE A 247 9.61 5.08 4.39
N GLN A 248 10.77 5.50 3.87
CA GLN A 248 11.77 6.23 4.67
C GLN A 248 11.16 7.55 5.20
N GLU A 249 10.50 8.32 4.29
CA GLU A 249 9.86 9.61 4.53
C GLU A 249 8.70 9.49 5.54
N ALA A 250 7.83 8.49 5.41
CA ALA A 250 6.71 8.33 6.32
C ALA A 250 7.22 8.10 7.77
N LYS A 251 8.28 7.31 7.93
CA LYS A 251 8.87 7.00 9.24
C LYS A 251 9.59 8.25 9.76
N ARG A 252 10.41 8.90 8.91
CA ARG A 252 11.16 10.14 9.21
C ARG A 252 10.24 11.31 9.61
N GLN A 253 9.09 11.48 8.93
CA GLN A 253 8.17 12.60 9.13
C GLN A 253 7.15 12.33 10.25
N LEU A 254 7.32 11.22 10.99
CA LEU A 254 6.48 10.98 12.15
C LEU A 254 6.82 12.05 13.21
N ASN A 255 5.77 12.64 13.77
CA ASN A 255 5.85 13.68 14.76
C ASN A 255 4.86 13.35 15.90
N ILE A 256 4.79 14.24 16.90
CA ILE A 256 3.95 14.13 18.09
C ILE A 256 2.47 14.10 17.71
N PHE A 257 2.06 14.88 16.70
CA PHE A 257 0.66 14.95 16.28
C PHE A 257 0.17 13.61 15.73
N GLU A 258 1.02 12.95 14.93
CA GLU A 258 0.71 11.64 14.37
C GLU A 258 0.79 10.57 15.46
N MET A 259 1.86 10.62 16.30
CA MET A 259 2.07 9.74 17.45
C MET A 259 0.85 9.73 18.40
N LEU A 260 0.35 10.93 18.76
CA LEU A 260 -0.81 11.06 19.65
C LEU A 260 -2.10 10.66 18.95
N ARG A 261 -2.23 10.96 17.63
CA ARG A 261 -3.40 10.56 16.84
C ARG A 261 -3.51 9.03 16.86
N ILE A 262 -2.36 8.35 16.81
CA ILE A 262 -2.28 6.90 16.90
C ILE A 262 -2.70 6.43 18.31
N ASP A 263 -2.10 6.99 19.37
CA ASP A 263 -2.33 6.51 20.73
C ASP A 263 -3.71 6.84 21.30
N GLU A 264 -4.23 8.03 21.01
CA GLU A 264 -5.51 8.52 21.52
C GLU A 264 -6.68 8.19 20.60
N GLY A 265 -6.39 8.04 19.31
CA GLY A 265 -7.42 7.81 18.30
C GLY A 265 -8.19 9.08 18.02
N LEU A 266 -9.30 8.97 17.27
CA LEU A 266 -10.16 10.12 16.98
C LEU A 266 -11.60 9.71 17.12
N ARG A 267 -12.35 10.50 17.87
CA ARG A 267 -13.77 10.31 18.08
C ARG A 267 -14.40 11.69 18.05
N LEU A 268 -15.30 11.95 17.09
CA LEU A 268 -15.95 13.25 16.97
C LEU A 268 -17.19 13.37 17.92
N LYS A 269 -17.45 12.31 18.72
CA LYS A 269 -18.54 12.22 19.70
C LYS A 269 -17.96 11.88 21.08
N ILE A 270 -18.63 12.31 22.18
CA ILE A 270 -18.20 12.08 23.56
C ILE A 270 -18.10 10.56 23.87
N TYR A 271 -17.05 10.15 24.60
CA TYR A 271 -16.80 8.78 25.02
C TYR A 271 -16.07 8.74 26.37
N LYS A 272 -16.10 7.59 27.06
CA LYS A 272 -15.39 7.39 28.32
C LYS A 272 -14.00 6.83 28.00
N ASP A 273 -12.96 7.31 28.71
CA ASP A 273 -11.60 6.84 28.46
C ASP A 273 -11.33 5.54 29.27
N THR A 274 -10.04 5.19 29.46
CA THR A 274 -9.58 4.01 30.22
C THR A 274 -10.15 4.04 31.66
N GLU A 275 -10.14 5.23 32.30
CA GLU A 275 -10.59 5.52 33.66
C GLU A 275 -12.07 5.94 33.74
N GLY A 276 -12.79 5.85 32.62
CA GLY A 276 -14.20 6.20 32.55
C GLY A 276 -14.53 7.68 32.60
N TYR A 277 -13.53 8.54 32.28
CA TYR A 277 -13.67 9.99 32.25
C TYR A 277 -14.14 10.44 30.86
N TYR A 278 -15.10 11.39 30.80
CA TYR A 278 -15.63 11.89 29.54
C TYR A 278 -14.56 12.61 28.74
N THR A 279 -14.35 12.12 27.51
CA THR A 279 -13.37 12.54 26.54
C THR A 279 -14.03 12.79 25.15
N ILE A 280 -13.34 13.57 24.29
CA ILE A 280 -13.74 13.84 22.90
C ILE A 280 -12.47 14.08 22.06
N GLY A 281 -12.60 13.98 20.73
CA GLY A 281 -11.52 14.23 19.78
C GLY A 281 -10.35 13.29 19.93
N ILE A 282 -9.17 13.88 20.09
CA ILE A 282 -7.95 13.11 20.23
C ILE A 282 -7.50 13.28 21.68
N GLY A 283 -8.06 12.41 22.53
CA GLY A 283 -7.78 12.31 23.95
C GLY A 283 -7.97 13.59 24.73
N HIS A 284 -8.96 14.41 24.34
CA HIS A 284 -9.27 15.63 25.05
C HIS A 284 -10.28 15.35 26.16
N LEU A 285 -9.79 15.27 27.41
CA LEU A 285 -10.62 15.06 28.59
C LEU A 285 -11.49 16.31 28.80
N LEU A 286 -12.81 16.11 28.92
CA LEU A 286 -13.76 17.18 29.12
C LEU A 286 -14.00 17.48 30.61
N THR A 287 -14.05 16.42 31.45
CA THR A 287 -14.32 16.50 32.89
C THR A 287 -14.14 15.16 33.57
N LYS A 288 -13.80 15.19 34.86
CA LYS A 288 -13.71 14.00 35.68
C LYS A 288 -15.11 13.71 36.30
N SER A 289 -16.04 14.70 36.21
CA SER A 289 -17.43 14.60 36.68
C SER A 289 -18.17 13.46 35.99
N PRO A 290 -18.99 12.66 36.73
CA PRO A 290 -19.69 11.54 36.09
C PRO A 290 -21.02 11.98 35.48
N SER A 291 -21.06 13.20 34.94
CA SER A 291 -22.27 13.76 34.35
C SER A 291 -22.01 14.09 32.89
N LEU A 292 -22.88 13.58 32.00
CA LEU A 292 -22.82 13.82 30.56
C LEU A 292 -23.16 15.29 30.24
N ASN A 293 -24.04 15.90 31.06
CA ASN A 293 -24.43 17.30 30.96
C ASN A 293 -23.21 18.18 31.25
N ALA A 294 -22.47 17.86 32.34
CA ALA A 294 -21.23 18.54 32.76
C ALA A 294 -20.21 18.49 31.62
N ALA A 295 -20.06 17.31 30.97
CA ALA A 295 -19.17 17.04 29.83
C ALA A 295 -19.60 17.79 28.58
N LYS A 296 -20.93 17.97 28.37
CA LYS A 296 -21.49 18.71 27.23
C LYS A 296 -21.33 20.23 27.46
N SER A 297 -21.41 20.68 28.72
CA SER A 297 -21.22 22.09 29.05
C SER A 297 -19.80 22.50 28.72
N GLU A 298 -18.82 21.73 29.29
CA GLU A 298 -17.38 21.89 29.10
C GLU A 298 -17.04 21.84 27.64
N LEU A 299 -17.73 20.98 26.86
CA LEU A 299 -17.52 20.87 25.41
C LEU A 299 -17.98 22.16 24.72
N ASP A 300 -19.22 22.62 25.00
CA ASP A 300 -19.80 23.84 24.44
C ASP A 300 -18.97 25.08 24.79
N LYS A 301 -18.39 25.13 26.01
CA LYS A 301 -17.53 26.24 26.43
C LYS A 301 -16.20 26.22 25.62
N ALA A 302 -15.53 25.05 25.56
CA ALA A 302 -14.27 24.84 24.86
C ALA A 302 -14.36 25.15 23.37
N ILE A 303 -15.41 24.65 22.68
CA ILE A 303 -15.61 24.84 21.24
C ILE A 303 -16.10 26.27 20.94
N GLY A 304 -16.99 26.79 21.79
CA GLY A 304 -17.56 28.14 21.65
C GLY A 304 -18.86 28.17 20.85
N ARG A 305 -19.65 27.07 20.90
CA ARG A 305 -20.95 26.90 20.21
C ARG A 305 -21.76 25.71 20.79
N ASN A 306 -23.06 25.61 20.41
CA ASN A 306 -23.96 24.52 20.81
C ASN A 306 -23.59 23.27 20.00
N THR A 307 -22.86 22.32 20.63
CA THR A 307 -22.34 21.12 19.96
C THR A 307 -23.29 19.91 20.02
N ASN A 308 -24.00 19.72 21.16
CA ASN A 308 -24.89 18.60 21.48
C ASN A 308 -24.08 17.28 21.54
N GLY A 309 -22.84 17.39 22.02
CA GLY A 309 -21.90 16.28 22.17
C GLY A 309 -21.22 15.82 20.90
N VAL A 310 -21.37 16.57 19.81
CA VAL A 310 -20.80 16.25 18.49
C VAL A 310 -19.94 17.42 18.01
N ILE A 311 -18.71 17.12 17.55
CA ILE A 311 -17.77 18.12 17.01
C ILE A 311 -17.30 17.71 15.61
N THR A 312 -16.70 18.66 14.86
CA THR A 312 -16.19 18.42 13.51
C THR A 312 -14.70 18.02 13.58
N LYS A 313 -14.11 17.62 12.44
CA LYS A 313 -12.70 17.26 12.33
C LYS A 313 -11.85 18.51 12.59
N ASP A 314 -12.30 19.66 12.07
CA ASP A 314 -11.68 20.98 12.24
C ASP A 314 -11.60 21.35 13.75
N GLU A 315 -12.69 21.07 14.50
CA GLU A 315 -12.81 21.36 15.93
C GLU A 315 -11.93 20.43 16.78
N ALA A 316 -11.91 19.12 16.44
CA ALA A 316 -11.07 18.10 17.08
C ALA A 316 -9.56 18.40 16.88
N GLU A 317 -9.20 18.86 15.66
CA GLU A 317 -7.83 19.23 15.30
C GLU A 317 -7.41 20.48 16.05
N LYS A 318 -8.34 21.47 16.21
CA LYS A 318 -8.07 22.72 16.90
C LYS A 318 -7.78 22.47 18.39
N LEU A 319 -8.63 21.66 19.09
CA LEU A 319 -8.48 21.29 20.50
C LEU A 319 -7.16 20.55 20.72
N PHE A 320 -6.85 19.60 19.83
CA PHE A 320 -5.63 18.80 19.85
C PHE A 320 -4.38 19.71 19.81
N ASN A 321 -4.39 20.77 18.95
CA ASN A 321 -3.28 21.74 18.86
C ASN A 321 -3.11 22.49 20.18
N GLN A 322 -4.22 22.85 20.85
CA GLN A 322 -4.20 23.54 22.13
C GLN A 322 -3.59 22.65 23.20
N ASP A 323 -4.05 21.39 23.27
CA ASP A 323 -3.63 20.37 24.21
C ASP A 323 -2.15 19.98 24.04
N VAL A 324 -1.68 19.86 22.77
CA VAL A 324 -0.28 19.53 22.50
C VAL A 324 0.58 20.72 22.92
N ASP A 325 0.13 21.94 22.60
CA ASP A 325 0.85 23.16 22.98
C ASP A 325 0.87 23.34 24.51
N ALA A 326 -0.22 22.95 25.20
CA ALA A 326 -0.26 23.05 26.65
C ALA A 326 0.71 22.04 27.31
N ALA A 327 0.82 20.81 26.72
CA ALA A 327 1.71 19.73 27.17
C ALA A 327 3.16 20.16 27.10
N VAL A 328 3.56 20.81 25.98
CA VAL A 328 4.93 21.30 25.75
C VAL A 328 5.24 22.48 26.71
N ARG A 329 4.27 23.40 26.87
CA ARG A 329 4.46 24.56 27.76
C ARG A 329 4.56 24.09 29.21
N GLY A 330 3.76 23.08 29.57
CA GLY A 330 3.78 22.49 30.89
C GLY A 330 5.12 21.86 31.20
N ILE A 331 5.75 21.26 30.18
CA ILE A 331 7.08 20.65 30.29
C ILE A 331 8.13 21.74 30.61
N LEU A 332 8.12 22.84 29.83
CA LEU A 332 9.05 23.97 29.98
C LEU A 332 8.79 24.75 31.30
N ARG A 333 7.53 24.77 31.78
CA ARG A 333 7.14 25.44 33.04
C ARG A 333 7.70 24.63 34.23
N ASN A 334 7.55 23.29 34.21
CA ASN A 334 8.00 22.40 35.27
C ASN A 334 9.55 22.28 35.32
N ALA A 335 10.13 22.54 36.52
CA ALA A 335 11.57 22.50 36.76
C ALA A 335 12.11 21.08 36.78
N LYS A 336 11.26 20.07 37.01
CA LYS A 336 11.69 18.67 36.99
C LYS A 336 11.71 18.12 35.55
N LEU A 337 10.78 18.61 34.67
CA LEU A 337 10.65 18.11 33.29
C LEU A 337 11.56 18.82 32.26
N LYS A 338 11.73 20.15 32.35
CA LYS A 338 12.54 21.01 31.46
C LYS A 338 14.00 20.47 31.23
N PRO A 339 14.82 20.10 32.29
CA PRO A 339 16.18 19.59 32.02
C PRO A 339 16.17 18.27 31.27
N VAL A 340 15.19 17.39 31.56
CA VAL A 340 15.05 16.10 30.88
C VAL A 340 14.73 16.34 29.39
N TYR A 341 13.77 17.24 29.10
CA TYR A 341 13.30 17.62 27.76
C TYR A 341 14.44 18.20 26.89
N ASP A 342 15.31 19.04 27.52
CA ASP A 342 16.48 19.66 26.88
C ASP A 342 17.56 18.64 26.51
N SER A 343 17.74 17.58 27.33
CA SER A 343 18.75 16.56 27.05
C SER A 343 18.29 15.58 25.97
N LEU A 344 16.98 15.48 25.74
CA LEU A 344 16.43 14.51 24.79
C LEU A 344 16.50 14.95 23.31
N ASP A 345 16.54 13.97 22.42
CA ASP A 345 16.49 14.16 20.98
C ASP A 345 15.00 14.37 20.55
N ALA A 346 14.78 14.73 19.28
CA ALA A 346 13.47 15.06 18.74
C ALA A 346 12.43 13.94 18.97
N VAL A 347 12.81 12.67 18.68
CA VAL A 347 11.92 11.50 18.82
C VAL A 347 11.60 11.27 20.32
N ARG A 348 12.62 11.30 21.19
CA ARG A 348 12.48 11.08 22.63
C ARG A 348 11.71 12.22 23.32
N ARG A 349 11.78 13.45 22.77
CA ARG A 349 11.02 14.58 23.29
C ARG A 349 9.53 14.34 23.06
N ALA A 350 9.19 13.75 21.90
CA ALA A 350 7.81 13.43 21.52
C ALA A 350 7.25 12.37 22.50
N ALA A 351 8.06 11.36 22.87
CA ALA A 351 7.66 10.32 23.83
C ALA A 351 7.39 10.97 25.18
N LEU A 352 8.20 11.97 25.59
CA LEU A 352 7.97 12.70 26.85
C LEU A 352 6.74 13.62 26.74
N ILE A 353 6.48 14.25 25.55
CA ILE A 353 5.27 15.09 25.35
C ILE A 353 4.03 14.19 25.48
N ASN A 354 4.03 13.04 24.81
CA ASN A 354 2.98 12.04 24.82
C ASN A 354 2.54 11.69 26.28
N MET A 355 3.54 11.44 27.17
CA MET A 355 3.33 11.09 28.58
C MET A 355 2.59 12.21 29.33
N VAL A 356 3.07 13.47 29.20
CA VAL A 356 2.52 14.69 29.81
C VAL A 356 1.11 14.94 29.27
N PHE A 357 0.89 14.70 27.98
CA PHE A 357 -0.42 14.84 27.36
C PHE A 357 -1.42 13.84 28.01
N GLN A 358 -0.95 12.61 28.30
CA GLN A 358 -1.79 11.57 28.87
C GLN A 358 -2.00 11.72 30.37
N MET A 359 -0.93 11.98 31.14
CA MET A 359 -0.97 12.00 32.61
C MET A 359 -0.83 13.36 33.25
N GLY A 360 -0.41 14.35 32.48
CA GLY A 360 -0.17 15.70 32.98
C GLY A 360 1.24 15.85 33.52
N GLU A 361 1.72 17.10 33.54
CA GLU A 361 3.04 17.53 34.01
C GLU A 361 3.38 16.98 35.41
N THR A 362 2.44 17.10 36.34
CA THR A 362 2.61 16.68 37.73
C THR A 362 2.76 15.13 37.77
N GLY A 363 1.96 14.43 36.97
CA GLY A 363 2.00 12.98 36.89
C GLY A 363 3.36 12.44 36.48
N VAL A 364 3.89 12.93 35.34
CA VAL A 364 5.17 12.53 34.76
C VAL A 364 6.34 12.93 35.68
N ALA A 365 6.26 14.09 36.36
CA ALA A 365 7.29 14.59 37.28
C ALA A 365 7.48 13.66 38.48
N GLY A 366 6.54 12.72 38.68
CA GLY A 366 6.60 11.74 39.75
C GLY A 366 7.56 10.60 39.44
N PHE A 367 7.92 10.44 38.15
CA PHE A 367 8.85 9.41 37.68
C PHE A 367 10.29 9.91 37.88
N THR A 368 10.67 10.14 39.15
CA THR A 368 11.97 10.66 39.56
C THR A 368 13.16 9.85 39.00
N ASN A 369 13.17 8.51 39.20
CA ASN A 369 14.26 7.68 38.70
C ASN A 369 14.31 7.69 37.18
N SER A 370 13.17 7.37 36.52
CA SER A 370 13.06 7.34 35.05
C SER A 370 13.52 8.62 34.41
N LEU A 371 13.11 9.78 34.94
CA LEU A 371 13.50 11.08 34.37
C LEU A 371 15.01 11.31 34.53
N ARG A 372 15.54 10.93 35.70
CA ARG A 372 16.96 11.04 36.00
C ARG A 372 17.80 10.20 35.01
N MET A 373 17.39 8.95 34.74
CA MET A 373 18.16 8.11 33.83
C MET A 373 17.94 8.42 32.35
N LEU A 374 16.80 9.04 31.98
CA LEU A 374 16.56 9.49 30.61
C LEU A 374 17.53 10.63 30.30
N GLN A 375 17.79 11.46 31.30
CA GLN A 375 18.71 12.58 31.25
C GLN A 375 20.14 12.07 31.07
N GLN A 376 20.49 10.95 31.77
CA GLN A 376 21.80 10.31 31.73
C GLN A 376 21.93 9.32 30.53
N LYS A 377 20.91 9.34 29.64
CA LYS A 377 20.79 8.57 28.41
C LYS A 377 20.86 7.03 28.68
N ARG A 378 20.32 6.59 29.83
CA ARG A 378 20.30 5.20 30.24
C ARG A 378 18.91 4.61 29.94
N TRP A 379 18.62 4.53 28.64
CA TRP A 379 17.35 4.13 28.04
C TRP A 379 16.79 2.81 28.57
N ASP A 380 17.59 1.74 28.60
CA ASP A 380 17.09 0.43 29.04
C ASP A 380 16.80 0.41 30.53
N GLU A 381 17.56 1.17 31.33
CA GLU A 381 17.35 1.29 32.77
C GLU A 381 16.12 2.16 33.03
N ALA A 382 15.90 3.18 32.17
CA ALA A 382 14.73 4.07 32.25
C ALA A 382 13.48 3.24 31.94
N ALA A 383 13.54 2.44 30.84
CA ALA A 383 12.48 1.55 30.36
C ALA A 383 12.05 0.50 31.41
N VAL A 384 13.00 -0.01 32.20
CA VAL A 384 12.70 -1.00 33.23
C VAL A 384 11.79 -0.32 34.30
N ASN A 385 12.20 0.86 34.78
CA ASN A 385 11.49 1.61 35.82
C ASN A 385 10.10 2.11 35.38
N LEU A 386 9.98 2.50 34.09
CA LEU A 386 8.73 2.96 33.50
C LEU A 386 7.72 1.79 33.42
N ALA A 387 8.19 0.53 33.26
CA ALA A 387 7.29 -0.64 33.21
C ALA A 387 6.76 -0.98 34.61
N LYS A 388 7.57 -0.71 35.66
CA LYS A 388 7.20 -0.94 37.06
C LYS A 388 6.41 0.26 37.59
N SER A 389 5.34 0.63 36.86
CA SER A 389 4.47 1.75 37.19
C SER A 389 2.99 1.42 36.93
N ARG A 390 2.05 2.21 37.53
CA ARG A 390 0.62 2.05 37.32
C ARG A 390 0.26 2.33 35.86
N TRP A 391 0.94 3.34 35.25
CA TRP A 391 0.82 3.77 33.86
C TRP A 391 0.96 2.59 32.88
N TYR A 392 1.98 1.76 33.08
CA TYR A 392 2.20 0.61 32.22
C TYR A 392 1.05 -0.40 32.36
N ASN A 393 0.61 -0.66 33.60
CA ASN A 393 -0.48 -1.60 33.90
C ASN A 393 -1.85 -1.12 33.35
N GLN A 394 -2.13 0.19 33.48
CA GLN A 394 -3.36 0.84 33.01
C GLN A 394 -3.43 0.84 31.46
N THR A 395 -2.38 1.34 30.76
CA THR A 395 -2.35 1.41 29.30
C THR A 395 -1.09 0.66 28.76
N PRO A 396 -1.11 -0.70 28.74
CA PRO A 396 0.10 -1.44 28.34
C PRO A 396 0.57 -1.31 26.91
N ASN A 397 -0.34 -1.22 25.92
CA ASN A 397 0.05 -1.15 24.50
C ASN A 397 0.63 0.22 24.18
N ARG A 398 0.03 1.27 24.74
CA ARG A 398 0.47 2.64 24.55
C ARG A 398 1.76 2.89 25.34
N ALA A 399 1.85 2.35 26.58
CA ALA A 399 3.04 2.48 27.41
C ALA A 399 4.21 1.76 26.76
N LYS A 400 3.96 0.58 26.14
CA LYS A 400 4.96 -0.22 25.43
C LYS A 400 5.57 0.60 24.28
N ARG A 401 4.72 1.28 23.48
CA ARG A 401 5.17 2.10 22.35
C ARG A 401 5.99 3.31 22.82
N VAL A 402 5.54 3.99 23.87
CA VAL A 402 6.27 5.14 24.43
C VAL A 402 7.64 4.66 25.00
N ILE A 403 7.64 3.58 25.82
CA ILE A 403 8.85 2.98 26.41
C ILE A 403 9.82 2.52 25.30
N THR A 404 9.31 1.90 24.23
CA THR A 404 10.16 1.46 23.11
C THR A 404 10.78 2.68 22.42
N THR A 405 9.99 3.78 22.18
CA THR A 405 10.50 5.00 21.57
C THR A 405 11.66 5.55 22.42
N PHE A 406 11.54 5.53 23.77
CA PHE A 406 12.61 5.97 24.66
C PHE A 406 13.81 5.03 24.55
N ARG A 407 13.57 3.70 24.52
CA ARG A 407 14.62 2.68 24.41
C ARG A 407 15.43 2.83 23.12
N THR A 408 14.75 2.85 21.97
CA THR A 408 15.34 2.89 20.63
C THR A 408 15.75 4.30 20.16
N GLY A 409 14.88 5.28 20.32
CA GLY A 409 15.13 6.62 19.85
C GLY A 409 14.66 6.76 18.41
N THR A 410 13.89 5.75 17.95
CA THR A 410 13.34 5.66 16.58
C THR A 410 11.81 5.65 16.62
N TRP A 411 11.16 5.63 15.44
CA TRP A 411 9.70 5.60 15.35
C TRP A 411 9.18 4.20 15.09
N ASP A 412 10.06 3.18 15.22
CA ASP A 412 9.77 1.78 14.91
C ASP A 412 8.53 1.20 15.61
N ALA A 413 8.10 1.74 16.76
CA ALA A 413 6.89 1.27 17.45
C ALA A 413 5.61 1.85 16.81
N TYR A 414 5.74 3.00 16.11
CA TYR A 414 4.62 3.70 15.47
C TYR A 414 4.60 3.48 13.96
N LYS A 415 5.52 2.60 13.49
CA LYS A 415 5.66 2.12 12.13
C LYS A 415 4.33 1.46 11.71
N PHE A 416 3.72 1.97 10.62
CA PHE A 416 2.46 1.51 9.99
C PHE A 416 1.30 1.43 10.97
N CYS A 417 1.15 2.48 11.77
CA CYS A 417 0.08 2.58 12.75
C CYS A 417 -1.00 3.56 12.29
N LEU A 418 -0.59 4.66 11.64
CA LEU A 418 -1.48 5.67 11.07
C LEU A 418 -2.25 5.08 9.86
N LYS A 419 -3.50 5.55 9.58
CA LYS A 419 -4.32 5.01 8.46
C LYS A 419 -3.65 5.25 7.10
N GLU A 420 -3.07 6.44 6.92
CA GLU A 420 -2.35 6.82 5.72
C GLU A 420 -1.09 6.01 5.53
N HIS A 421 -0.43 5.58 6.62
CA HIS A 421 0.77 4.75 6.53
C HIS A 421 0.40 3.29 6.20
N LYS A 422 -0.79 2.84 6.64
CA LYS A 422 -1.30 1.50 6.35
C LYS A 422 -1.70 1.46 4.85
N ALA A 423 -2.20 2.62 4.33
CA ALA A 423 -2.55 2.80 2.93
C ALA A 423 -1.28 2.67 2.08
N LEU A 424 -0.18 3.28 2.54
CA LEU A 424 1.13 3.20 1.91
C LEU A 424 1.67 1.76 1.97
N LYS A 425 1.49 1.07 3.12
CA LYS A 425 1.93 -0.31 3.23
C LYS A 425 1.17 -1.19 2.19
N THR A 426 -0.17 -0.97 2.04
CA THR A 426 -1.01 -1.71 1.09
C THR A 426 -0.47 -1.58 -0.34
N LEU A 427 -0.17 -0.34 -0.77
CA LEU A 427 0.37 -0.08 -2.09
C LEU A 427 1.72 -0.77 -2.30
N GLY A 428 2.55 -0.85 -1.25
CA GLY A 428 3.84 -1.53 -1.29
C GLY A 428 3.72 -3.05 -1.39
N ILE A 429 2.58 -3.61 -0.92
CA ILE A 429 2.29 -5.04 -0.98
C ILE A 429 1.92 -5.38 -2.45
N ILE A 430 1.08 -4.52 -3.10
CA ILE A 430 0.66 -4.59 -4.52
C ILE A 430 1.91 -4.66 -5.40
N MET A 431 2.86 -3.78 -5.11
CA MET A 431 4.15 -3.66 -5.80
C MET A 431 5.10 -4.84 -5.53
N GLY A 432 5.13 -5.32 -4.29
CA GLY A 432 6.01 -6.43 -3.93
C GLY A 432 5.52 -7.77 -4.48
N THR A 433 4.20 -7.97 -4.46
CA THR A 433 3.55 -9.19 -4.96
C THR A 433 3.77 -9.26 -6.50
N PHE A 434 3.54 -8.14 -7.23
CA PHE A 434 3.77 -8.08 -8.68
C PHE A 434 5.20 -8.49 -9.00
N THR A 435 6.18 -7.89 -8.29
CA THR A 435 7.62 -8.16 -8.44
C THR A 435 7.92 -9.63 -8.15
N LEU A 436 7.48 -10.18 -7.02
CA LEU A 436 7.77 -11.59 -6.71
C LEU A 436 7.18 -12.53 -7.74
N CYS A 437 5.98 -12.22 -8.26
CA CYS A 437 5.28 -13.04 -9.25
C CYS A 437 5.89 -12.92 -10.64
N TRP A 438 6.41 -11.74 -11.04
CA TRP A 438 6.91 -11.53 -12.40
C TRP A 438 8.41 -11.62 -12.54
N LEU A 439 9.18 -11.32 -11.47
CA LEU A 439 10.65 -11.31 -11.51
C LEU A 439 11.22 -12.71 -11.88
N PRO A 440 10.72 -13.86 -11.34
CA PRO A 440 11.29 -15.17 -11.77
C PRO A 440 11.24 -15.33 -13.29
N PHE A 441 10.09 -15.02 -13.93
CA PHE A 441 9.91 -15.13 -15.38
C PHE A 441 10.92 -14.24 -16.09
N PHE A 442 10.93 -12.94 -15.81
CA PHE A 442 11.85 -12.00 -16.45
C PHE A 442 13.35 -12.31 -16.22
N ILE A 443 13.75 -12.85 -15.05
CA ILE A 443 15.16 -13.16 -14.79
C ILE A 443 15.59 -14.36 -15.69
N VAL A 444 14.83 -15.47 -15.63
CA VAL A 444 15.06 -16.71 -16.38
C VAL A 444 14.99 -16.42 -17.89
N ASN A 445 14.15 -15.47 -18.29
CA ASN A 445 14.03 -15.03 -19.66
C ASN A 445 15.35 -14.35 -20.14
N ILE A 446 15.91 -13.41 -19.33
CA ILE A 446 17.14 -12.66 -19.69
C ILE A 446 18.42 -13.55 -19.61
N VAL A 447 18.43 -14.53 -18.66
CA VAL A 447 19.50 -15.50 -18.42
C VAL A 447 19.60 -16.45 -19.59
N HIS A 448 18.46 -16.87 -20.14
CA HIS A 448 18.46 -17.79 -21.26
C HIS A 448 18.72 -17.11 -22.60
N VAL A 449 18.88 -15.77 -22.60
CA VAL A 449 19.23 -15.00 -23.79
C VAL A 449 20.77 -14.96 -23.86
N ILE A 450 21.44 -14.78 -22.69
CA ILE A 450 22.89 -14.78 -22.55
C ILE A 450 23.40 -16.20 -22.77
N GLN A 451 23.04 -17.12 -21.84
CA GLN A 451 23.43 -18.52 -21.84
C GLN A 451 22.99 -19.28 -23.07
N ASP A 452 21.80 -18.97 -23.64
CA ASP A 452 21.17 -19.58 -24.83
C ASP A 452 20.44 -20.90 -24.45
N ASN A 453 20.99 -21.75 -23.55
CA ASN A 453 20.39 -23.06 -23.20
C ASN A 453 19.89 -23.19 -21.74
N LEU A 454 19.09 -24.29 -21.50
CA LEU A 454 18.43 -24.80 -20.28
C LEU A 454 17.10 -24.00 -20.00
N ILE A 455 16.63 -23.25 -21.04
CA ILE A 455 15.39 -22.46 -21.02
C ILE A 455 14.17 -23.32 -20.81
N ARG A 456 14.09 -24.45 -21.54
CA ARG A 456 12.99 -25.42 -21.56
C ARG A 456 11.70 -24.75 -22.06
N LYS A 457 10.54 -25.37 -21.81
CA LYS A 457 9.22 -24.88 -22.22
C LYS A 457 8.31 -24.92 -21.02
N GLU A 458 8.40 -26.03 -20.27
CA GLU A 458 7.66 -26.32 -19.05
C GLU A 458 8.03 -25.32 -17.95
N VAL A 459 9.28 -24.80 -17.96
CA VAL A 459 9.72 -23.81 -16.96
C VAL A 459 9.21 -22.43 -17.38
N TYR A 460 9.45 -22.00 -18.63
CA TYR A 460 9.02 -20.72 -19.20
C TYR A 460 7.51 -20.50 -18.98
N ILE A 461 6.66 -21.49 -19.36
CA ILE A 461 5.20 -21.45 -19.21
C ILE A 461 4.83 -21.34 -17.71
N LEU A 462 5.39 -22.21 -16.85
CA LEU A 462 5.14 -22.22 -15.40
C LEU A 462 5.41 -20.85 -14.76
N LEU A 463 6.58 -20.24 -15.03
CA LEU A 463 6.96 -18.94 -14.48
C LEU A 463 6.09 -17.84 -15.06
N ASN A 464 5.61 -18.02 -16.30
CA ASN A 464 4.72 -17.05 -16.93
C ASN A 464 3.37 -17.13 -16.24
N TRP A 465 2.98 -18.35 -15.82
CA TRP A 465 1.72 -18.57 -15.11
C TRP A 465 1.79 -18.07 -13.65
N ILE A 466 3.00 -17.98 -13.05
CA ILE A 466 3.22 -17.37 -11.73
C ILE A 466 2.82 -15.90 -11.87
N GLY A 467 3.28 -15.28 -12.96
CA GLY A 467 2.94 -13.90 -13.30
C GLY A 467 1.45 -13.71 -13.52
N TYR A 468 0.81 -14.62 -14.30
CA TYR A 468 -0.62 -14.61 -14.60
C TYR A 468 -1.49 -14.61 -13.34
N VAL A 469 -1.22 -15.54 -12.43
CA VAL A 469 -1.92 -15.75 -11.17
C VAL A 469 -1.88 -14.46 -10.30
N ASN A 470 -0.96 -13.50 -10.62
CA ASN A 470 -0.85 -12.21 -9.94
C ASN A 470 -2.07 -11.32 -10.23
N SER A 471 -2.71 -11.45 -11.40
CA SER A 471 -3.90 -10.67 -11.74
C SER A 471 -5.08 -10.97 -10.80
N GLY A 472 -5.03 -12.13 -10.14
CA GLY A 472 -6.07 -12.52 -9.19
C GLY A 472 -5.83 -12.04 -7.78
N PHE A 473 -4.60 -11.60 -7.48
CA PHE A 473 -4.16 -11.21 -6.13
C PHE A 473 -4.58 -9.83 -5.68
N ASN A 474 -4.47 -8.78 -6.54
CA ASN A 474 -4.78 -7.41 -6.10
C ASN A 474 -6.15 -7.24 -5.45
N PRO A 475 -7.26 -7.81 -5.97
CA PRO A 475 -8.55 -7.63 -5.28
C PRO A 475 -8.50 -8.06 -3.80
N LEU A 476 -7.80 -9.16 -3.48
CA LEU A 476 -7.64 -9.63 -2.09
C LEU A 476 -6.85 -8.65 -1.23
N ILE A 477 -5.83 -7.99 -1.81
CA ILE A 477 -4.98 -7.02 -1.11
C ILE A 477 -5.80 -5.74 -0.81
N TYR A 478 -6.81 -5.42 -1.64
CA TYR A 478 -7.65 -4.23 -1.44
C TYR A 478 -8.57 -4.40 -0.25
N CYS A 479 -8.71 -5.62 0.26
CA CYS A 479 -9.53 -5.91 1.42
C CYS A 479 -8.88 -5.34 2.68
N ARG A 480 -7.58 -4.99 2.60
CA ARG A 480 -6.83 -4.36 3.67
C ARG A 480 -7.41 -2.97 3.95
N SER A 481 -7.84 -2.26 2.90
CA SER A 481 -8.46 -0.95 2.98
C SER A 481 -9.90 -1.09 3.52
N PRO A 482 -10.25 -0.38 4.61
CA PRO A 482 -11.62 -0.48 5.15
C PRO A 482 -12.65 0.11 4.18
N ASP A 483 -12.22 1.09 3.36
CA ASP A 483 -13.05 1.75 2.35
C ASP A 483 -13.45 0.77 1.24
N PHE A 484 -12.49 -0.11 0.84
CA PHE A 484 -12.70 -1.16 -0.16
C PHE A 484 -13.51 -2.29 0.43
N ARG A 485 -13.14 -2.75 1.67
CA ARG A 485 -13.85 -3.81 2.41
C ARG A 485 -15.36 -3.46 2.52
N ILE A 486 -15.71 -2.18 2.76
CA ILE A 486 -17.10 -1.70 2.86
C ILE A 486 -17.76 -1.75 1.48
N ALA A 487 -17.07 -1.30 0.43
CA ALA A 487 -17.63 -1.30 -0.92
C ALA A 487 -17.96 -2.75 -1.39
N PHE A 488 -17.03 -3.69 -1.16
CA PHE A 488 -17.15 -5.09 -1.53
C PHE A 488 -18.33 -5.72 -0.84
N GLN A 489 -18.48 -5.56 0.51
N GLN A 489 -18.47 -5.54 0.49
CA GLN A 489 -19.62 -6.15 1.24
CA GLN A 489 -19.60 -6.07 1.27
C GLN A 489 -20.95 -5.58 0.74
C GLN A 489 -20.93 -5.57 0.73
N GLU A 490 -20.97 -4.31 0.27
CA GLU A 490 -22.14 -3.65 -0.29
C GLU A 490 -22.50 -4.24 -1.66
N LEU A 491 -21.51 -4.30 -2.59
CA LEU A 491 -21.70 -4.83 -3.94
C LEU A 491 -22.05 -6.32 -3.96
N LEU A 492 -21.48 -7.09 -3.01
CA LEU A 492 -21.71 -8.53 -2.87
C LEU A 492 -22.95 -8.79 -2.03
N CYS A 493 -23.61 -7.70 -1.57
CA CYS A 493 -24.84 -7.72 -0.78
CA CYS A 493 -24.84 -7.70 -0.75
C CYS A 493 -24.68 -8.68 0.44
N LEU A 494 -23.53 -8.57 1.13
CA LEU A 494 -23.18 -9.40 2.29
C LEU A 494 -23.91 -8.94 3.57
C1 JTZ B . 3.31 -16.06 -23.75
N1 JTZ B . 3.74 -14.04 -22.50
O1 JTZ B . 3.52 -12.76 -20.01
C2 JTZ B . 4.00 -14.70 -23.83
O2 JTZ B . 6.32 -10.82 -21.11
C3 JTZ B . 3.46 -13.82 -24.98
C4 JTZ B . 4.29 -12.65 -22.31
C5 JTZ B . 4.64 -12.43 -20.83
C6 JTZ B . 4.97 -10.95 -20.66
C7 JTZ B . 6.82 -9.58 -21.55
C8 JTZ B . 6.40 -8.30 -21.08
C9 JTZ B . 7.06 -7.15 -21.52
C10 JTZ B . 8.08 -7.23 -22.46
C11 JTZ B . 8.50 -8.49 -22.94
C12 JTZ B . 7.90 -9.68 -22.48
C13 JTZ B . 8.33 -11.02 -23.06
C14 JTZ B . 9.73 -11.47 -22.75
C15 JTZ B . 10.74 -11.34 -23.61
C1 CLR C . -11.01 6.13 -17.31
C2 CLR C . -11.39 7.03 -16.11
C3 CLR C . -10.87 6.51 -14.76
C4 CLR C . -9.36 6.32 -14.84
C5 CLR C . -9.06 5.35 -15.96
C6 CLR C . -8.40 4.23 -15.62
C7 CLR C . -8.36 3.00 -16.50
C8 CLR C . -8.30 3.42 -17.98
C9 CLR C . -9.52 4.33 -18.25
C10 CLR C . -9.54 5.64 -17.40
C11 CLR C . -9.69 4.59 -19.78
C12 CLR C . -9.60 3.33 -20.67
C13 CLR C . -8.32 2.50 -20.44
C14 CLR C . -8.33 2.21 -18.94
C15 CLR C . -7.27 1.14 -18.76
C16 CLR C . -7.47 0.27 -20.00
C17 CLR C . -8.42 1.03 -20.94
C18 CLR C . -7.09 3.27 -20.97
C19 CLR C . -8.67 6.74 -18.02
C20 CLR C . -8.19 0.68 -22.44
C21 CLR C . -9.13 1.37 -23.42
C22 CLR C . -8.33 -0.83 -22.69
C23 CLR C . -7.19 -1.40 -23.53
C24 CLR C . -7.75 -2.30 -24.63
C25 CLR C . -6.64 -3.04 -25.37
C26 CLR C . -6.89 -4.55 -25.37
C27 CLR C . -6.50 -2.49 -26.78
O1 CLR C . -11.18 7.45 -13.73
C1 OLB D . -21.49 1.80 -12.72
C2 OLB D . -20.23 1.81 -13.56
C3 OLB D . -20.03 0.52 -14.36
C4 OLB D . -18.71 -0.17 -14.01
C5 OLB D . -18.10 -0.83 -15.25
O19 OLB D . -21.74 0.87 -11.96
O20 OLB D . -22.35 2.83 -12.82
C21 OLB D . -22.47 3.79 -11.75
C22 OLB D . -23.16 5.06 -12.24
O23 OLB D . -23.89 5.65 -11.16
C24 OLB D . -22.12 6.05 -12.78
O25 OLB D . -21.37 6.63 -11.70
C6 OLB D . -18.18 -2.35 -15.16
C7 OLB D . -16.78 -2.95 -15.18
C8 OLB D . -16.73 -4.23 -16.01
C9 OLB D . -16.31 -3.92 -17.45
C10 OLB D . -16.29 -4.81 -18.43
C11 OLB D . -16.68 -6.27 -18.29
C1 OLB E . -11.25 -14.59 -30.38
C2 OLB E . -11.86 -13.25 -29.99
C3 OLB E . -11.88 -13.02 -28.47
C4 OLB E . -11.50 -11.60 -28.09
C5 OLB E . -11.57 -11.40 -26.57
O19 OLB E . -11.51 -15.60 -29.75
O20 OLB E . -10.46 -14.67 -31.46
C21 OLB E . -9.94 -15.93 -31.89
C22 OLB E . -10.56 -16.29 -33.23
O23 OLB E . -10.19 -15.29 -34.20
C24 OLB E . -10.08 -17.69 -33.64
O25 OLB E . -10.12 -17.90 -35.07
C1 OLB F . 3.37 11.69 -11.32
C2 OLB F . 4.03 11.82 -12.70
C3 OLB F . 4.39 10.47 -13.33
C4 OLB F . 5.83 10.43 -13.80
C5 OLB F . 6.12 9.12 -14.51
O19 OLB F . 3.17 10.61 -10.80
O20 OLB F . 2.99 12.79 -10.66
C21 OLB F . 3.87 13.54 -9.81
C22 OLB F . 3.26 14.90 -9.55
O23 OLB F . 3.04 15.07 -8.15
C24 OLB F . 4.15 16.02 -10.06
O25 OLB F . 3.38 17.23 -10.20
C6 OLB F . 7.34 8.44 -13.89
C7 OLB F . 8.27 7.90 -14.97
C8 OLB F . 9.73 8.27 -14.70
C1 OLB G . 6.19 -6.32 0.04
C2 OLB G . 5.33 -7.47 -0.48
C3 OLB G . 5.66 -8.80 0.20
C4 OLB G . 4.40 -9.49 0.71
C5 OLB G . 4.02 -10.67 -0.18
O19 OLB G . 7.39 -6.30 -0.21
O20 OLB G . 5.62 -5.35 0.75
C21 OLB G . 6.29 -4.20 1.27
C22 OLB G . 6.52 -4.38 2.76
O23 OLB G . 7.73 -3.72 3.15
C24 OLB G . 5.37 -3.77 3.56
O25 OLB G . 5.61 -3.96 4.96
C6 OLB G . 3.26 -11.74 0.60
C1 OLB H . -23.35 -16.67 -5.68
C2 OLB H . -23.31 -17.02 -7.15
C3 OLB H . -22.95 -18.49 -7.43
C4 OLB H . -22.58 -18.70 -8.89
C5 OLB H . -21.60 -19.86 -8.97
O19 OLB H . -22.96 -17.43 -4.79
O20 OLB H . -23.83 -15.47 -5.30
C21 OLB H . -22.94 -14.41 -4.97
C22 OLB H . -23.17 -14.03 -3.51
O23 OLB H . -21.92 -13.88 -2.82
C24 OLB H . -23.94 -12.72 -3.50
O25 OLB H . -24.36 -12.46 -2.15
C6 OLB H . -20.34 -19.45 -9.73
C1 OLB I . -14.63 -9.44 1.40
C2 OLB I . -15.31 -9.99 0.16
C3 OLB I . -14.34 -10.67 -0.81
C4 OLB I . -14.00 -9.77 -1.99
C5 OLB I . -12.69 -10.20 -2.63
O19 OLB I . -13.50 -9.81 1.72
O20 OLB I . -15.28 -8.55 2.17
C21 OLB I . -15.17 -8.52 3.59
C22 OLB I . -16.35 -9.22 4.25
O23 OLB I . -16.46 -10.58 3.78
C24 OLB I . -16.26 -9.17 5.77
O25 OLB I . -17.51 -9.55 6.35
C6 OLB I . -12.92 -10.76 -4.03
C10 OLC J . 5.78 2.84 -21.35
C9 OLC J . 5.32 3.81 -20.56
C11 OLC J . 7.22 2.65 -21.80
C8 OLC J . 6.15 4.91 -19.92
C7 OLC J . 5.44 6.25 -20.01
C6 OLC J . 5.61 7.06 -18.73
C5 OLC J . 4.30 7.75 -18.35
C4 OLC J . 4.46 9.26 -18.21
C3 OLC J . 3.67 10.03 -19.27
C2 OLC J . 2.78 11.10 -18.64
C1 OLB K . -8.73 -31.81 -24.56
C2 OLB K . -8.86 -30.42 -24.02
C3 OLB K . -10.31 -30.11 -23.67
C4 OLB K . -10.94 -29.08 -24.60
C5 OLB K . -10.54 -27.63 -24.31
O19 OLB K . -9.08 -32.78 -23.90
O20 OLB K . -8.24 -32.00 -25.80
C21 OLB K . -6.94 -32.55 -26.04
C22 OLB K . -6.92 -33.38 -27.33
O23 OLB K . -8.18 -34.04 -27.57
C24 OLB K . -6.52 -32.51 -28.54
O25 OLB K . -6.81 -33.19 -29.76
C6 OLB K . -11.43 -26.98 -23.25
C7 OLB K . -10.61 -26.54 -22.04
C8 OLB K . -10.27 -25.04 -22.06
C9 OLB K . -10.15 -24.50 -20.65
C10 OLB K . -10.27 -23.21 -20.41
C11 OLB K . -10.16 -22.67 -19.00
S SO4 L . -5.12 10.65 -3.26
O1 SO4 L . -5.72 10.03 -2.09
O2 SO4 L . -6.03 11.68 -3.83
O3 SO4 L . -3.84 11.20 -2.88
O4 SO4 L . -4.92 9.61 -4.27
S SO4 M . -0.95 -3.37 8.74
O1 SO4 M . -2.36 -3.44 9.16
O2 SO4 M . -0.08 -3.14 9.91
O3 SO4 M . -0.77 -2.27 7.80
O4 SO4 M . -0.58 -4.64 8.11
S SO4 N . 10.35 6.05 38.99
O1 SO4 N . 8.89 6.13 39.10
O2 SO4 N . 10.98 6.75 40.11
O3 SO4 N . 10.78 6.66 37.75
O4 SO4 N . 10.74 4.63 39.00
S SO4 O . -4.16 0.41 25.80
O1 SO4 O . -4.25 1.84 25.50
O2 SO4 O . -5.02 0.12 26.96
O3 SO4 O . -4.60 -0.38 24.65
O4 SO4 O . -2.78 0.08 26.12
C9 OLC P . -12.95 -4.60 -21.42
C8 OLC P . -12.30 -3.37 -20.80
C24 OLC P . -14.55 7.09 -13.06
C7 OLC P . -13.14 -2.87 -19.63
C6 OLC P . -12.44 -1.73 -18.92
C5 OLC P . -13.17 -0.40 -19.11
C4 OLC P . -13.89 0.05 -17.84
C3 OLC P . -13.07 1.07 -17.06
C2 OLC P . -13.80 2.42 -16.97
C21 OLC P . -14.27 4.86 -14.13
C1 OLC P . -13.96 2.89 -15.53
C22 OLC P . -15.11 6.14 -14.11
O19 OLC P . -13.55 2.22 -14.61
O25 OLC P . -15.38 8.26 -12.98
O23 OLC P . -15.08 6.77 -15.40
O20 OLC P . -14.57 4.06 -15.28
C10 OLC Q . -17.50 -13.90 -12.35
C9 OLC Q . -17.78 -12.61 -12.60
C11 OLC Q . -18.37 -14.85 -11.57
C8 OLC Q . -19.05 -11.89 -12.17
C24 OLC Q . -25.34 -1.53 -9.47
C12 OLC Q . -17.51 -15.75 -10.69
C7 OLC Q . -18.68 -10.63 -11.38
C13 OLC Q . -18.31 -16.27 -9.50
C6 OLC Q . -19.91 -9.96 -10.77
C14 OLC Q . -17.51 -17.25 -8.64
C5 OLC Q . -19.74 -9.66 -9.28
C4 OLC Q . -19.76 -8.16 -9.02
C3 OLC Q . -21.14 -7.62 -8.65
C2 OLC Q . -21.28 -6.12 -8.94
C21 OLC Q . -24.05 -3.60 -8.94
C1 OLC Q . -22.68 -5.60 -8.64
C22 OLC Q . -24.67 -2.77 -10.07
O19 OLC Q . -23.32 -6.01 -7.67
O25 OLC Q . -25.72 -0.58 -10.48
O23 OLC Q . -23.65 -2.39 -11.01
O20 OLC Q . -23.23 -4.67 -9.45
C1 OLA R . 2.72 -27.15 -18.45
O1 OLA R . 3.38 -28.02 -17.82
O2 OLA R . 2.93 -27.00 -19.68
C2 OLA R . 1.66 -26.33 -17.75
C3 OLA R . 2.28 -25.36 -16.74
C4 OLA R . 1.30 -24.24 -16.38
C5 OLA R . 0.43 -24.58 -15.18
C6 OLA R . -0.66 -23.52 -14.98
C7 OLA R . -1.18 -23.52 -13.54
C8 OLA R . -0.62 -22.34 -12.74
C9 OLA R . -0.98 -22.49 -11.27
C10 OLA R . -0.12 -22.38 -10.26
C11 OLA R . 1.37 -22.11 -10.40
C12 OLA R . 2.09 -22.55 -9.12
C1 OLA S . -22.05 -4.02 -13.30
O1 OLA S . -21.25 -3.76 -12.38
O2 OLA S . -22.76 -3.09 -13.74
C2 OLA S . -22.16 -5.42 -13.84
C3 OLA S . -21.36 -5.62 -15.13
C4 OLA S . -21.15 -7.08 -15.46
C5 OLA S . -19.73 -7.30 -15.97
C6 OLA S . -19.37 -8.78 -16.11
C7 OLA S . -19.12 -9.16 -17.57
C8 OLA S . -17.75 -9.79 -17.82
C9 OLA S . -17.80 -11.30 -17.62
C10 OLA S . -17.90 -12.24 -18.58
C11 OLA S . -18.02 -11.98 -20.07
C12 OLA S . -18.85 -13.08 -20.72
C1 OLA T . 15.28 9.19 -3.69
O1 OLA T . 16.15 9.46 -2.83
O2 OLA T . 14.79 8.03 -3.69
C2 OLA T . 14.88 10.23 -4.72
C3 OLA T . 13.67 9.79 -5.52
C4 OLA T . 12.96 11.02 -6.07
C5 OLA T . 11.90 10.63 -7.09
C6 OLA T . 12.49 10.74 -8.48
C7 OLA T . 11.43 10.99 -9.54
C8 OLA T . 11.82 10.21 -10.78
C1 OLA U . 10.77 -1.57 0.38
O1 OLA U . 10.31 -2.07 1.43
O2 OLA U . 12.02 -1.54 0.24
C2 OLA U . 9.84 -0.96 -0.65
C3 OLA U . 10.13 -1.48 -2.06
C4 OLA U . 8.89 -1.52 -2.95
C5 OLA U . 8.31 -2.93 -3.04
C6 OLA U . 8.96 -3.77 -4.14
C7 OLA U . 9.46 -5.12 -3.61
C8 OLA U . 10.98 -5.20 -3.62
C9 OLA U . 11.42 -6.57 -4.12
C10 OLA U . 12.51 -6.81 -4.87
C11 OLA U . 13.49 -5.76 -5.38
#